data_1ZI0
#
_entry.id   1ZI0
#
_cell.length_a   104.216
_cell.length_b   121.432
_cell.length_c   177.957
_cell.angle_alpha   90.00
_cell.angle_beta   90.00
_cell.angle_gamma   90.00
#
_symmetry.space_group_name_H-M   'I 2 2 2'
#
loop_
_entity.id
_entity.type
_entity.pdbx_description
1 polymer 'DNA gyrase subunit A'
2 water water
#
_entity_poly.entity_id   1
_entity_poly.type   'polypeptide(L)'
_entity_poly.pdbx_seq_one_letter_code
;TQEDVVVTLSHQGYVKYQPLSEYEAQRRGGKGKSAARIKEEDFIDRLLVANTHDHILCFSSRGRVYSMKVYQLPEATRGA
RGRPIVNLLPLEQDERITAILPVTEFEEGVKVFMATANGTVKKTVLTEFNRLRTAGKVAIKLVDGDELIGVDLTSGEDEV
MLFSAEGKVVRFKESSVRAMGCNTTGVRGIRLGEGDKVVSLIVPRGDGAILTATQNGYGKRTAVAEYPTKSRATKGVISI
KVTERNGLVVGAVQVDDCDQIMMITDAGTLVRTRVSEISIVGRNTQGVILIRTAEDENVVGLQRVAE
;
_entity_poly.pdbx_strand_id   A,B
#
# COMPACT_ATOMS: atom_id res chain seq x y z
N THR A 1 24.40 -11.70 35.87
CA THR A 1 25.74 -11.27 35.38
C THR A 1 25.63 -10.39 34.13
N GLN A 2 24.74 -9.40 34.21
CA GLN A 2 24.50 -8.47 33.11
C GLN A 2 25.46 -7.28 33.10
N GLU A 3 25.95 -6.90 31.91
CA GLU A 3 26.88 -5.79 31.76
C GLU A 3 27.05 -5.39 30.28
N ASP A 4 27.66 -4.24 30.04
CA ASP A 4 27.86 -3.79 28.66
C ASP A 4 29.06 -4.50 28.01
N VAL A 5 28.88 -4.92 26.76
CA VAL A 5 29.93 -5.61 26.04
C VAL A 5 30.03 -5.03 24.64
N VAL A 6 31.11 -5.37 23.94
CA VAL A 6 31.30 -4.91 22.56
C VAL A 6 31.19 -6.13 21.68
N VAL A 7 30.43 -6.01 20.60
CA VAL A 7 30.25 -7.12 19.67
C VAL A 7 30.72 -6.71 18.29
N THR A 8 31.74 -7.39 17.78
CA THR A 8 32.26 -7.06 16.46
C THR A 8 32.14 -8.18 15.45
N LEU A 9 31.99 -7.79 14.19
CA LEU A 9 31.86 -8.71 13.06
C LEU A 9 32.86 -8.25 12.02
N SER A 10 33.72 -9.15 11.56
CA SER A 10 34.72 -8.77 10.57
C SER A 10 34.25 -9.02 9.16
N HIS A 11 34.81 -8.26 8.23
CA HIS A 11 34.49 -8.37 6.82
C HIS A 11 34.70 -9.82 6.36
N GLN A 12 35.63 -10.51 7.01
CA GLN A 12 35.92 -11.90 6.66
C GLN A 12 34.88 -12.86 7.22
N GLY A 13 34.18 -12.45 8.27
CA GLY A 13 33.16 -13.31 8.84
C GLY A 13 33.31 -13.79 10.28
N TYR A 14 34.27 -13.25 11.02
CA TYR A 14 34.46 -13.67 12.42
C TYR A 14 33.66 -12.79 13.38
N VAL A 15 33.10 -13.41 14.41
CA VAL A 15 32.31 -12.70 15.42
C VAL A 15 32.75 -13.03 16.85
N LYS A 16 32.64 -12.06 17.75
CA LYS A 16 33.03 -12.27 19.15
C LYS A 16 32.46 -11.15 20.02
N TYR A 17 32.65 -11.26 21.34
CA TYR A 17 32.17 -10.24 22.27
C TYR A 17 33.06 -10.18 23.50
N GLN A 18 32.95 -9.10 24.24
CA GLN A 18 33.72 -8.91 25.47
C GLN A 18 33.30 -7.66 26.23
N PRO A 19 33.43 -7.69 27.56
CA PRO A 19 33.07 -6.57 28.42
C PRO A 19 33.81 -5.29 28.01
N LEU A 20 33.24 -4.13 28.28
CA LEU A 20 33.88 -2.87 27.93
C LEU A 20 35.16 -2.69 28.75
N SER A 21 36.29 -2.60 28.05
CA SER A 21 37.59 -2.43 28.70
C SER A 21 38.67 -2.11 27.66
N ASP A 42 41.01 -9.50 7.10
CA ASP A 42 39.73 -8.82 7.29
C ASP A 42 39.92 -7.45 7.93
N PHE A 43 38.81 -6.77 8.14
CA PHE A 43 38.77 -5.45 8.78
C PHE A 43 37.40 -5.34 9.44
N ILE A 44 37.28 -4.50 10.46
CA ILE A 44 36.02 -4.35 11.16
C ILE A 44 34.87 -3.92 10.25
N ASP A 45 33.83 -4.74 10.23
CA ASP A 45 32.63 -4.47 9.43
C ASP A 45 31.60 -3.71 10.27
N ARG A 46 31.31 -4.23 11.47
CA ARG A 46 30.35 -3.63 12.38
C ARG A 46 30.73 -3.81 13.86
N LEU A 47 30.72 -2.71 14.61
CA LEU A 47 31.03 -2.74 16.03
C LEU A 47 29.81 -2.25 16.80
N LEU A 48 29.26 -3.08 17.68
CA LEU A 48 28.06 -2.73 18.46
C LEU A 48 28.29 -2.78 19.97
N VAL A 49 27.50 -2.00 20.71
CA VAL A 49 27.59 -2.00 22.17
C VAL A 49 26.24 -2.47 22.71
N ALA A 50 26.25 -3.57 23.46
CA ALA A 50 25.01 -4.12 23.98
C ALA A 50 25.15 -4.70 25.38
N ASN A 51 24.07 -5.34 25.82
CA ASN A 51 24.03 -5.99 27.12
C ASN A 51 24.06 -7.51 26.93
N THR A 52 24.72 -8.23 27.85
CA THR A 52 24.85 -9.69 27.76
C THR A 52 23.53 -10.40 27.53
N HIS A 53 22.44 -9.80 27.97
CA HIS A 53 21.14 -10.42 27.80
C HIS A 53 20.31 -9.91 26.61
N ASP A 54 20.92 -9.14 25.73
CA ASP A 54 20.20 -8.67 24.55
C ASP A 54 20.20 -9.84 23.55
N HIS A 55 19.36 -9.74 22.52
CA HIS A 55 19.30 -10.78 21.50
C HIS A 55 19.90 -10.26 20.20
N ILE A 56 20.20 -11.18 19.30
CA ILE A 56 20.75 -10.82 18.01
C ILE A 56 20.08 -11.69 16.98
N LEU A 57 19.41 -11.07 16.02
CA LEU A 57 18.70 -11.80 14.98
C LEU A 57 19.50 -11.78 13.68
N CYS A 58 19.71 -12.94 13.08
CA CYS A 58 20.44 -13.03 11.82
C CYS A 58 19.54 -13.56 10.70
N PHE A 59 19.50 -12.82 9.59
CA PHE A 59 18.68 -13.17 8.45
C PHE A 59 19.58 -13.58 7.29
N SER A 60 19.12 -14.58 6.54
CA SER A 60 19.90 -15.09 5.41
C SER A 60 19.28 -14.83 4.04
N SER A 61 20.09 -15.03 3.00
CA SER A 61 19.69 -14.86 1.62
C SER A 61 18.61 -15.87 1.21
N ARG A 62 18.41 -16.90 2.02
CA ARG A 62 17.39 -17.90 1.72
C ARG A 62 16.10 -17.72 2.53
N GLY A 63 15.94 -16.54 3.13
CA GLY A 63 14.74 -16.22 3.89
C GLY A 63 14.52 -16.84 5.26
N ARG A 64 15.60 -17.23 5.94
CA ARG A 64 15.49 -17.83 7.26
C ARG A 64 16.05 -16.90 8.33
N VAL A 65 15.63 -17.11 9.57
CA VAL A 65 16.10 -16.29 10.68
C VAL A 65 16.61 -17.16 11.85
N TYR A 66 17.79 -16.84 12.36
CA TYR A 66 18.42 -17.57 13.45
C TYR A 66 18.60 -16.64 14.64
N SER A 67 18.24 -17.10 15.83
CA SER A 67 18.34 -16.28 17.03
C SER A 67 19.30 -16.82 18.09
N MET A 68 19.98 -15.92 18.78
CA MET A 68 20.91 -16.31 19.82
C MET A 68 21.20 -15.17 20.79
N LYS A 69 21.18 -15.47 22.09
CA LYS A 69 21.46 -14.48 23.11
C LYS A 69 22.92 -14.04 23.00
N VAL A 70 23.19 -12.79 23.31
CA VAL A 70 24.54 -12.25 23.23
C VAL A 70 25.59 -13.07 23.97
N TYR A 71 25.25 -13.65 25.13
CA TYR A 71 26.25 -14.42 25.86
C TYR A 71 26.53 -15.80 25.28
N GLN A 72 25.74 -16.20 24.28
CA GLN A 72 25.94 -17.48 23.62
C GLN A 72 26.92 -17.33 22.46
N LEU A 73 27.49 -16.13 22.33
CA LEU A 73 28.46 -15.86 21.27
C LEU A 73 29.84 -16.19 21.81
N PRO A 74 30.86 -16.27 20.94
CA PRO A 74 32.22 -16.58 21.39
C PRO A 74 32.89 -15.40 22.10
N GLU A 75 33.16 -15.57 23.39
CA GLU A 75 33.81 -14.54 24.19
C GLU A 75 35.32 -14.58 24.01
N ALA A 76 35.81 -14.06 22.89
CA ALA A 76 37.24 -14.06 22.62
C ALA A 76 37.97 -12.94 23.35
N THR A 77 37.44 -11.73 23.24
CA THR A 77 38.03 -10.57 23.90
C THR A 77 39.40 -10.17 23.31
N ARG A 78 40.00 -9.14 23.89
CA ARG A 78 41.30 -8.64 23.45
C ARG A 78 41.39 -8.42 21.94
N GLY A 79 42.57 -8.66 21.38
CA GLY A 79 42.77 -8.50 19.95
C GLY A 79 42.82 -9.84 19.25
N ALA A 80 42.12 -9.93 18.12
CA ALA A 80 42.06 -11.15 17.32
C ALA A 80 41.20 -12.26 17.91
N ARG A 81 41.02 -13.34 17.15
CA ARG A 81 40.24 -14.50 17.55
C ARG A 81 38.75 -14.39 17.19
N GLY A 82 37.97 -15.34 17.68
CA GLY A 82 36.55 -15.37 17.40
C GLY A 82 36.30 -16.35 16.28
N ARG A 83 35.16 -17.04 16.30
CA ARG A 83 34.84 -18.01 15.26
C ARG A 83 33.96 -17.41 14.16
N PRO A 84 33.97 -18.04 12.98
CA PRO A 84 33.17 -17.59 11.83
C PRO A 84 31.69 -17.84 12.09
N ILE A 85 30.87 -16.84 11.79
CA ILE A 85 29.42 -16.94 12.00
C ILE A 85 28.81 -18.16 11.31
N VAL A 86 29.40 -18.56 10.19
CA VAL A 86 28.89 -19.69 9.44
C VAL A 86 29.18 -21.02 10.16
N ASN A 87 29.90 -20.93 11.28
CA ASN A 87 30.23 -22.13 12.05
C ASN A 87 29.43 -22.19 13.35
N LEU A 88 28.61 -21.18 13.57
CA LEU A 88 27.76 -21.12 14.77
C LEU A 88 26.34 -21.44 14.37
N LEU A 89 26.04 -21.24 13.09
CA LEU A 89 24.72 -21.44 12.54
C LEU A 89 24.71 -22.53 11.50
N PRO A 90 23.72 -23.43 11.53
CA PRO A 90 23.63 -24.53 10.55
C PRO A 90 23.19 -24.07 9.17
N LEU A 91 24.06 -23.34 8.47
CA LEU A 91 23.75 -22.82 7.14
C LEU A 91 24.09 -23.78 6.00
N GLU A 92 23.38 -23.65 4.87
CA GLU A 92 23.62 -24.48 3.69
C GLU A 92 24.79 -23.87 2.93
N GLN A 93 25.26 -24.57 1.89
CA GLN A 93 26.41 -24.13 1.11
C GLN A 93 26.40 -22.69 0.56
N ASP A 94 25.45 -22.33 -0.30
CA ASP A 94 25.41 -20.97 -0.85
C ASP A 94 24.52 -19.98 -0.09
N GLU A 95 24.27 -20.24 1.19
CA GLU A 95 23.42 -19.38 2.02
C GLU A 95 24.24 -18.37 2.81
N ARG A 96 24.02 -17.09 2.56
CA ARG A 96 24.76 -16.05 3.27
C ARG A 96 23.87 -15.16 4.14
N ILE A 97 24.51 -14.44 5.06
CA ILE A 97 23.81 -13.54 5.98
C ILE A 97 23.70 -12.15 5.36
N THR A 98 22.47 -11.66 5.20
CA THR A 98 22.26 -10.35 4.61
C THR A 98 21.90 -9.20 5.55
N ALA A 99 21.65 -9.51 6.82
CA ALA A 99 21.33 -8.48 7.81
C ALA A 99 21.41 -8.99 9.26
N ILE A 100 21.86 -8.12 10.18
CA ILE A 100 21.97 -8.49 11.59
C ILE A 100 21.33 -7.40 12.44
N LEU A 101 20.32 -7.76 13.23
CA LEU A 101 19.58 -6.78 14.04
C LEU A 101 19.57 -6.99 15.56
N PRO A 102 20.17 -6.06 16.31
CA PRO A 102 20.18 -6.17 17.78
C PRO A 102 18.76 -5.92 18.35
N VAL A 103 18.38 -6.67 19.38
CA VAL A 103 17.06 -6.51 19.98
C VAL A 103 17.14 -6.58 21.50
N THR A 104 16.70 -5.51 22.16
CA THR A 104 16.71 -5.45 23.62
C THR A 104 15.41 -6.04 24.19
N GLU A 105 14.28 -5.61 23.68
CA GLU A 105 12.99 -6.11 24.12
C GLU A 105 12.10 -6.25 22.89
N PHE A 106 11.24 -7.26 22.88
CA PHE A 106 10.35 -7.49 21.75
C PHE A 106 9.02 -6.75 21.92
N GLU A 107 9.10 -5.41 21.89
CA GLU A 107 7.94 -4.54 22.05
C GLU A 107 6.78 -4.79 21.08
N GLU A 108 5.58 -4.45 21.52
CA GLU A 108 4.34 -4.64 20.78
C GLU A 108 4.15 -3.89 19.45
N GLY A 109 4.59 -2.64 19.36
CA GLY A 109 4.36 -1.89 18.13
C GLY A 109 5.45 -1.78 17.06
N VAL A 110 6.44 -2.66 17.10
CA VAL A 110 7.50 -2.61 16.11
C VAL A 110 7.39 -3.74 15.09
N LYS A 111 7.88 -3.51 13.88
CA LYS A 111 7.82 -4.53 12.84
C LYS A 111 9.16 -4.83 12.17
N VAL A 112 9.21 -6.00 11.55
CA VAL A 112 10.38 -6.46 10.81
C VAL A 112 9.97 -6.30 9.33
N PHE A 113 10.73 -5.50 8.59
CA PHE A 113 10.45 -5.22 7.18
C PHE A 113 11.50 -5.87 6.26
N MET A 114 11.02 -6.66 5.31
CA MET A 114 11.86 -7.42 4.39
C MET A 114 11.69 -7.08 2.90
N ALA A 115 12.80 -7.11 2.15
CA ALA A 115 12.78 -6.81 0.72
C ALA A 115 13.60 -7.83 -0.10
N THR A 116 13.00 -8.37 -1.15
CA THR A 116 13.66 -9.36 -2.01
C THR A 116 14.18 -8.75 -3.31
N ALA A 117 15.04 -9.51 -4.00
CA ALA A 117 15.64 -9.04 -5.25
C ALA A 117 14.71 -8.95 -6.46
N ASN A 118 13.57 -9.63 -6.41
CA ASN A 118 12.64 -9.56 -7.53
C ASN A 118 11.58 -8.47 -7.32
N GLY A 119 11.80 -7.61 -6.32
CA GLY A 119 10.87 -6.52 -6.07
C GLY A 119 9.76 -6.72 -5.05
N THR A 120 9.79 -7.84 -4.33
CA THR A 120 8.77 -8.15 -3.32
C THR A 120 9.13 -7.56 -1.96
N VAL A 121 8.12 -7.33 -1.12
CA VAL A 121 8.34 -6.81 0.23
C VAL A 121 7.35 -7.47 1.20
N LYS A 122 7.64 -7.42 2.49
CA LYS A 122 6.74 -8.01 3.48
C LYS A 122 7.05 -7.54 4.92
N LYS A 123 6.04 -7.54 5.79
CA LYS A 123 6.27 -7.14 7.19
C LYS A 123 5.54 -8.04 8.23
N THR A 124 6.20 -8.27 9.37
CA THR A 124 5.69 -9.11 10.46
C THR A 124 6.01 -8.45 11.81
N VAL A 125 5.10 -8.52 12.77
CA VAL A 125 5.31 -7.91 14.08
C VAL A 125 6.44 -8.59 14.84
N LEU A 126 7.31 -7.78 15.46
CA LEU A 126 8.47 -8.25 16.20
C LEU A 126 8.18 -9.33 17.26
N THR A 127 6.95 -9.38 17.77
CA THR A 127 6.61 -10.39 18.78
C THR A 127 6.65 -11.83 18.28
N GLU A 128 6.66 -12.03 16.97
CA GLU A 128 6.70 -13.37 16.40
C GLU A 128 8.11 -13.99 16.47
N PHE A 129 9.11 -13.20 16.80
CA PHE A 129 10.47 -13.72 16.88
C PHE A 129 10.94 -13.82 18.33
N ASN A 130 10.00 -13.65 19.26
CA ASN A 130 10.31 -13.67 20.69
C ASN A 130 11.01 -14.91 21.28
N ARG A 131 10.58 -16.10 20.89
CA ARG A 131 11.22 -17.30 21.43
C ARG A 131 11.80 -18.23 20.36
N LEU A 132 12.65 -17.68 19.51
CA LEU A 132 13.28 -18.44 18.42
C LEU A 132 14.48 -19.27 18.90
N ARG A 133 14.77 -20.35 18.19
CA ARG A 133 15.90 -21.20 18.53
C ARG A 133 17.13 -20.82 17.70
N THR A 134 18.28 -21.38 18.06
CA THR A 134 19.52 -21.11 17.35
C THR A 134 19.49 -21.79 15.99
N ALA A 135 18.76 -22.90 15.89
CA ALA A 135 18.67 -23.65 14.63
C ALA A 135 17.91 -22.93 13.52
N GLY A 136 17.15 -21.90 13.87
CA GLY A 136 16.42 -21.15 12.87
C GLY A 136 15.05 -21.62 12.42
N LYS A 137 14.39 -20.78 11.63
CA LYS A 137 13.06 -21.05 11.08
C LYS A 137 12.80 -20.07 9.93
N VAL A 138 11.76 -20.36 9.14
CA VAL A 138 11.38 -19.52 8.00
C VAL A 138 10.78 -18.16 8.38
N ALA A 139 11.38 -17.09 7.86
CA ALA A 139 10.90 -15.73 8.13
C ALA A 139 10.08 -15.20 6.96
N ILE A 140 10.40 -15.68 5.77
CA ILE A 140 9.69 -15.30 4.56
C ILE A 140 9.90 -16.39 3.51
N LYS A 141 8.80 -16.85 2.92
CA LYS A 141 8.79 -17.90 1.90
C LYS A 141 9.12 -17.30 0.53
N LEU A 142 10.12 -17.87 -0.14
CA LEU A 142 10.56 -17.36 -1.44
C LEU A 142 10.20 -18.20 -2.66
N VAL A 143 9.91 -17.54 -3.78
CA VAL A 143 9.62 -18.26 -5.02
C VAL A 143 10.99 -18.66 -5.56
N ASP A 144 11.01 -19.72 -6.35
CA ASP A 144 12.27 -20.22 -6.90
C ASP A 144 13.12 -19.12 -7.56
N GLY A 145 14.41 -19.09 -7.20
CA GLY A 145 15.33 -18.14 -7.78
C GLY A 145 15.44 -16.75 -7.16
N ASP A 146 14.63 -16.44 -6.15
CA ASP A 146 14.70 -15.12 -5.53
C ASP A 146 15.48 -15.20 -4.22
N GLU A 147 15.78 -14.05 -3.63
CA GLU A 147 16.48 -14.03 -2.35
C GLU A 147 16.28 -12.76 -1.54
N LEU A 148 16.41 -12.92 -0.22
CA LEU A 148 16.26 -11.80 0.70
C LEU A 148 17.53 -10.94 0.68
N ILE A 149 17.40 -9.66 0.34
CA ILE A 149 18.56 -8.77 0.30
C ILE A 149 18.50 -7.58 1.26
N GLY A 150 17.37 -7.37 1.93
CA GLY A 150 17.27 -6.23 2.86
C GLY A 150 16.31 -6.42 4.02
N VAL A 151 16.75 -6.04 5.22
CA VAL A 151 15.90 -6.19 6.41
C VAL A 151 16.18 -5.06 7.40
N ASP A 152 15.11 -4.49 7.98
CA ASP A 152 15.25 -3.41 8.97
C ASP A 152 14.01 -3.36 9.88
N LEU A 153 14.07 -2.55 10.93
CA LEU A 153 12.95 -2.40 11.86
C LEU A 153 12.13 -1.14 11.53
N THR A 154 10.82 -1.20 11.70
CA THR A 154 9.97 -0.04 11.39
C THR A 154 8.78 0.13 12.34
N SER A 155 8.23 1.33 12.32
CA SER A 155 7.06 1.69 13.13
C SER A 155 6.50 3.03 12.69
N GLY A 156 5.32 3.37 13.22
CA GLY A 156 4.67 4.63 12.92
C GLY A 156 4.58 5.12 11.48
N GLU A 157 5.10 6.32 11.24
CA GLU A 157 5.07 6.92 9.91
C GLU A 157 6.34 6.72 9.09
N ASP A 158 7.14 5.70 9.41
CA ASP A 158 8.36 5.43 8.67
C ASP A 158 8.09 5.21 7.17
N GLU A 159 9.06 5.55 6.34
CA GLU A 159 8.93 5.35 4.90
C GLU A 159 9.95 4.31 4.44
N VAL A 160 9.74 3.78 3.24
CA VAL A 160 10.58 2.73 2.66
C VAL A 160 11.12 3.14 1.28
N MET A 161 12.39 2.87 0.99
CA MET A 161 12.96 3.18 -0.33
C MET A 161 13.67 1.94 -0.92
N LEU A 162 13.39 1.64 -2.18
CA LEU A 162 13.98 0.51 -2.90
C LEU A 162 14.76 1.04 -4.12
N PHE A 163 16.00 0.59 -4.28
CA PHE A 163 16.88 1.03 -5.38
C PHE A 163 17.27 -0.14 -6.28
N SER A 164 17.21 0.05 -7.60
CA SER A 164 17.58 -1.04 -8.52
C SER A 164 18.93 -0.87 -9.24
N ALA A 165 19.40 -1.93 -9.89
CA ALA A 165 20.68 -1.92 -10.59
C ALA A 165 20.69 -1.05 -11.84
N GLU A 166 19.56 -0.89 -12.50
CA GLU A 166 19.53 -0.07 -13.69
C GLU A 166 19.24 1.41 -13.39
N GLY A 167 19.38 1.78 -12.13
CA GLY A 167 19.20 3.16 -11.70
C GLY A 167 17.82 3.68 -11.33
N LYS A 168 16.85 2.82 -11.05
CA LYS A 168 15.51 3.29 -10.69
C LYS A 168 15.34 3.32 -9.18
N VAL A 169 14.25 3.94 -8.71
CA VAL A 169 13.94 4.03 -7.28
C VAL A 169 12.47 4.34 -7.03
N VAL A 170 11.94 3.87 -5.91
CA VAL A 170 10.55 4.13 -5.53
C VAL A 170 10.52 4.36 -4.02
N ARG A 171 9.65 5.26 -3.55
CA ARG A 171 9.59 5.60 -2.13
C ARG A 171 8.14 5.69 -1.60
N PHE A 172 7.81 4.91 -0.56
CA PHE A 172 6.45 4.89 -0.02
C PHE A 172 6.33 4.58 1.48
N LYS A 173 5.11 4.70 2.01
CA LYS A 173 4.83 4.47 3.44
C LYS A 173 4.68 3.02 3.88
N GLU A 174 5.38 2.67 4.96
CA GLU A 174 5.33 1.31 5.50
C GLU A 174 3.90 0.93 5.83
N SER A 175 3.09 1.92 6.23
CA SER A 175 1.70 1.66 6.60
C SER A 175 0.87 1.10 5.44
N SER A 176 1.32 1.32 4.21
CA SER A 176 0.59 0.82 3.07
C SER A 176 0.82 -0.68 2.81
N VAL A 177 1.65 -1.32 3.65
CA VAL A 177 1.91 -2.75 3.52
C VAL A 177 1.25 -3.48 4.69
N ARG A 178 0.41 -4.47 4.36
CA ARG A 178 -0.33 -5.22 5.36
C ARG A 178 0.51 -6.27 6.11
N ALA A 179 0.32 -6.34 7.42
CA ALA A 179 1.07 -7.29 8.25
C ALA A 179 0.69 -8.73 7.99
N MET A 180 1.68 -9.63 7.98
CA MET A 180 1.45 -11.06 7.72
C MET A 180 2.23 -12.01 8.65
N GLY A 181 1.88 -13.30 8.62
CA GLY A 181 2.57 -14.28 9.44
C GLY A 181 3.93 -14.65 8.86
N CYS A 182 4.74 -15.38 9.63
CA CYS A 182 6.08 -15.78 9.19
C CYS A 182 6.16 -16.67 7.95
N ASN A 183 5.21 -17.58 7.77
CA ASN A 183 5.28 -18.48 6.64
C ASN A 183 4.49 -18.06 5.39
N THR A 184 4.70 -16.83 4.93
CA THR A 184 4.02 -16.33 3.71
C THR A 184 5.00 -15.64 2.78
N THR A 185 4.53 -15.33 1.57
CA THR A 185 5.35 -14.69 0.55
C THR A 185 5.47 -13.16 0.56
N GLY A 186 4.36 -12.45 0.78
CA GLY A 186 4.42 -11.00 0.78
C GLY A 186 3.76 -10.36 -0.44
N VAL A 187 3.98 -9.06 -0.64
CA VAL A 187 3.37 -8.32 -1.77
C VAL A 187 4.37 -7.58 -2.68
N ARG A 188 3.83 -6.88 -3.68
CA ARG A 188 4.61 -6.11 -4.66
C ARG A 188 5.12 -4.75 -4.14
N GLY A 189 6.42 -4.50 -4.33
CA GLY A 189 7.04 -3.27 -3.89
C GLY A 189 7.44 -2.35 -5.03
N ILE A 190 8.08 -2.90 -6.07
CA ILE A 190 8.46 -2.14 -7.24
C ILE A 190 8.37 -3.02 -8.48
N ARG A 191 7.83 -2.44 -9.55
CA ARG A 191 7.67 -3.14 -10.84
C ARG A 191 8.96 -2.95 -11.63
N LEU A 192 9.75 -4.01 -11.73
CA LEU A 192 11.03 -3.99 -12.43
C LEU A 192 10.97 -4.29 -13.92
N GLY A 193 11.89 -3.69 -14.67
CA GLY A 193 11.96 -3.95 -16.09
C GLY A 193 12.62 -5.31 -16.21
N GLU A 194 12.50 -5.93 -17.39
CA GLU A 194 13.07 -7.25 -17.63
C GLU A 194 14.60 -7.27 -17.45
N GLY A 195 15.07 -8.08 -16.51
CA GLY A 195 16.50 -8.18 -16.26
C GLY A 195 17.03 -7.34 -15.09
N ASP A 196 16.25 -6.37 -14.63
CA ASP A 196 16.68 -5.52 -13.53
C ASP A 196 16.40 -6.17 -12.16
N LYS A 197 17.09 -5.71 -11.12
CA LYS A 197 16.89 -6.28 -9.80
C LYS A 197 17.12 -5.24 -8.72
N VAL A 198 16.61 -5.52 -7.51
CA VAL A 198 16.77 -4.61 -6.38
C VAL A 198 18.09 -4.90 -5.66
N VAL A 199 18.86 -3.86 -5.38
CA VAL A 199 20.14 -4.05 -4.72
C VAL A 199 20.23 -3.43 -3.31
N SER A 200 19.32 -2.52 -2.98
CA SER A 200 19.35 -1.89 -1.66
C SER A 200 17.99 -1.46 -1.12
N LEU A 201 17.84 -1.55 0.19
CA LEU A 201 16.62 -1.14 0.89
C LEU A 201 17.03 -0.03 1.85
N ILE A 202 16.31 1.09 1.85
CA ILE A 202 16.62 2.15 2.82
C ILE A 202 15.39 2.68 3.54
N VAL A 203 15.45 2.71 4.87
CA VAL A 203 14.40 3.28 5.71
C VAL A 203 15.04 4.61 6.13
N PRO A 204 14.67 5.71 5.46
CA PRO A 204 15.21 7.04 5.73
C PRO A 204 14.90 7.66 7.09
N ARG A 205 15.94 8.20 7.71
CA ARG A 205 15.82 8.84 9.02
C ARG A 205 16.70 10.10 9.08
N GLY A 206 16.09 11.27 8.94
CA GLY A 206 16.85 12.50 9.01
C GLY A 206 17.10 13.23 7.70
N ASP A 207 18.02 14.20 7.75
CA ASP A 207 18.36 15.02 6.60
C ASP A 207 19.63 14.62 5.84
N GLY A 208 20.15 13.44 6.14
CA GLY A 208 21.35 12.95 5.44
C GLY A 208 21.11 12.73 3.95
N ALA A 209 22.14 12.97 3.15
CA ALA A 209 22.05 12.79 1.70
C ALA A 209 22.17 11.32 1.31
N ILE A 210 21.68 10.99 0.11
CA ILE A 210 21.71 9.61 -0.40
C ILE A 210 22.92 9.44 -1.34
N LEU A 211 23.81 8.50 -1.03
CA LEU A 211 25.02 8.25 -1.83
C LEU A 211 24.91 6.96 -2.66
N THR A 212 25.16 7.05 -3.96
CA THR A 212 25.05 5.88 -4.84
C THR A 212 26.34 5.66 -5.65
N ALA A 213 26.69 4.39 -5.91
CA ALA A 213 27.92 4.05 -6.64
C ALA A 213 27.75 2.95 -7.70
N THR A 214 28.48 3.07 -8.81
CA THR A 214 28.39 2.10 -9.92
C THR A 214 29.62 1.21 -10.10
N GLN A 215 29.46 0.18 -10.92
CA GLN A 215 30.52 -0.79 -11.19
C GLN A 215 31.85 -0.26 -11.72
N ASN A 216 31.81 0.76 -12.56
CA ASN A 216 33.03 1.32 -13.13
C ASN A 216 33.66 2.41 -12.25
N GLY A 217 33.19 2.52 -11.01
CA GLY A 217 33.76 3.50 -10.08
C GLY A 217 33.16 4.89 -9.98
N TYR A 218 32.00 5.12 -10.58
CA TYR A 218 31.37 6.44 -10.51
C TYR A 218 30.48 6.59 -9.27
N GLY A 219 30.25 7.82 -8.83
CA GLY A 219 29.41 8.08 -7.67
C GLY A 219 29.01 9.53 -7.45
N LYS A 220 27.97 9.77 -6.67
CA LYS A 220 27.50 11.12 -6.38
C LYS A 220 26.44 11.13 -5.29
N ARG A 221 26.04 12.32 -4.85
CA ARG A 221 25.03 12.46 -3.81
C ARG A 221 23.85 13.33 -4.24
N THR A 222 22.72 13.12 -3.58
CA THR A 222 21.51 13.88 -3.85
C THR A 222 20.73 14.02 -2.55
N ALA A 223 20.28 15.24 -2.26
CA ALA A 223 19.52 15.50 -1.03
C ALA A 223 18.35 14.55 -0.95
N VAL A 224 18.20 13.89 0.19
CA VAL A 224 17.10 12.94 0.38
C VAL A 224 15.76 13.64 0.11
N ALA A 225 15.72 14.95 0.30
CA ALA A 225 14.49 15.70 0.07
C ALA A 225 14.13 15.77 -1.43
N GLU A 226 15.10 15.50 -2.30
CA GLU A 226 14.88 15.52 -3.75
C GLU A 226 14.29 14.21 -4.32
N TYR A 227 14.01 13.24 -3.45
CA TYR A 227 13.42 11.98 -3.89
C TYR A 227 11.92 12.01 -3.63
N PRO A 228 11.12 12.09 -4.69
CA PRO A 228 9.66 12.13 -4.62
C PRO A 228 9.01 10.92 -3.95
N THR A 229 7.92 11.15 -3.23
CA THR A 229 7.17 10.07 -2.57
C THR A 229 5.94 9.66 -3.40
N LYS A 230 5.93 8.43 -3.90
CA LYS A 230 4.82 7.94 -4.72
C LYS A 230 4.10 6.74 -4.09
N SER A 231 3.72 5.76 -4.91
CA SER A 231 3.03 4.58 -4.42
C SER A 231 3.78 3.29 -4.74
N ARG A 232 3.49 2.24 -3.99
CA ARG A 232 4.15 0.96 -4.21
C ARG A 232 3.64 0.27 -5.48
N ALA A 233 4.43 -0.68 -5.98
CA ALA A 233 4.10 -1.45 -7.17
C ALA A 233 4.20 -0.72 -8.51
N THR A 234 4.85 0.44 -8.54
CA THR A 234 5.02 1.17 -9.80
C THR A 234 6.48 1.02 -10.25
N LYS A 235 6.81 1.59 -11.40
CA LYS A 235 8.17 1.51 -11.94
C LYS A 235 9.13 2.52 -11.32
N GLY A 236 8.60 3.53 -10.64
CA GLY A 236 9.47 4.52 -10.01
C GLY A 236 10.16 5.51 -10.94
N VAL A 237 11.03 6.34 -10.38
CA VAL A 237 11.73 7.35 -11.16
C VAL A 237 13.24 7.10 -11.24
N ILE A 238 13.97 8.07 -11.79
CA ILE A 238 15.41 7.98 -11.95
C ILE A 238 16.20 8.47 -10.74
N SER A 239 17.21 7.69 -10.36
CA SER A 239 18.05 8.04 -9.22
C SER A 239 19.45 8.43 -9.73
N ILE A 240 19.82 7.85 -10.87
CA ILE A 240 21.11 8.13 -11.51
C ILE A 240 21.08 7.52 -12.91
N LYS A 241 21.49 8.29 -13.90
CA LYS A 241 21.50 7.78 -15.28
C LYS A 241 22.67 6.83 -15.50
N VAL A 242 22.37 5.59 -15.86
CA VAL A 242 23.44 4.61 -16.12
C VAL A 242 23.56 4.33 -17.62
N THR A 243 24.80 4.19 -18.09
CA THR A 243 25.07 3.87 -19.49
C THR A 243 26.19 2.85 -19.54
N GLU A 244 26.78 2.70 -20.73
CA GLU A 244 27.88 1.76 -20.93
C GLU A 244 29.10 2.35 -20.24
N ARG A 245 29.08 3.66 -20.04
CA ARG A 245 30.20 4.36 -19.40
C ARG A 245 30.37 4.06 -17.91
N ASN A 246 29.36 4.41 -17.10
CA ASN A 246 29.49 4.18 -15.66
C ASN A 246 29.08 2.79 -15.16
N GLY A 247 28.23 2.11 -15.91
CA GLY A 247 27.80 0.78 -15.52
C GLY A 247 26.64 0.74 -14.54
N LEU A 248 26.31 -0.47 -14.10
CA LEU A 248 25.21 -0.74 -13.17
C LEU A 248 25.43 -0.24 -11.75
N VAL A 249 24.33 0.04 -11.06
CA VAL A 249 24.38 0.51 -9.68
C VAL A 249 24.74 -0.65 -8.75
N VAL A 250 25.74 -0.45 -7.90
CA VAL A 250 26.16 -1.48 -6.95
C VAL A 250 25.35 -1.38 -5.65
N GLY A 251 25.06 -0.14 -5.24
CA GLY A 251 24.30 0.08 -4.02
C GLY A 251 23.98 1.54 -3.77
N ALA A 252 23.16 1.78 -2.74
CA ALA A 252 22.78 3.13 -2.33
C ALA A 252 22.71 3.12 -0.80
N VAL A 253 23.11 4.23 -0.17
CA VAL A 253 23.11 4.34 1.29
C VAL A 253 22.99 5.80 1.75
N GLN A 254 22.32 6.01 2.89
CA GLN A 254 22.17 7.36 3.45
C GLN A 254 23.35 7.63 4.40
N VAL A 255 23.93 8.82 4.32
CA VAL A 255 25.09 9.15 5.17
C VAL A 255 25.15 10.60 5.62
N ASP A 256 26.00 10.88 6.60
CA ASP A 256 26.16 12.22 7.13
C ASP A 256 27.48 12.82 6.68
N ASP A 257 27.55 14.15 6.62
CA ASP A 257 28.74 14.87 6.20
C ASP A 257 30.02 14.38 6.86
N CYS A 258 29.90 13.96 8.11
CA CYS A 258 31.03 13.49 8.89
C CYS A 258 31.47 12.06 8.58
N ASP A 259 30.57 11.27 8.00
CA ASP A 259 30.86 9.87 7.66
C ASP A 259 31.95 9.67 6.60
N GLN A 260 32.34 8.42 6.40
CA GLN A 260 33.33 8.03 5.41
C GLN A 260 32.76 6.84 4.63
N ILE A 261 33.20 6.67 3.39
CA ILE A 261 32.72 5.57 2.54
C ILE A 261 33.81 4.57 2.16
N MET A 262 33.39 3.34 1.89
CA MET A 262 34.33 2.31 1.48
C MET A 262 33.80 1.53 0.27
N MET A 263 34.65 1.34 -0.73
CA MET A 263 34.28 0.59 -1.92
C MET A 263 35.29 -0.52 -2.15
N ILE A 264 34.79 -1.71 -2.49
CA ILE A 264 35.65 -2.87 -2.72
C ILE A 264 35.41 -3.45 -4.10
N THR A 265 36.49 -3.85 -4.78
CA THR A 265 36.38 -4.43 -6.12
C THR A 265 36.56 -5.94 -6.02
N ASP A 266 36.21 -6.63 -7.11
CA ASP A 266 36.33 -8.09 -7.16
C ASP A 266 37.80 -8.48 -7.23
N ALA A 267 38.67 -7.50 -7.48
CA ALA A 267 40.10 -7.75 -7.56
C ALA A 267 40.67 -7.75 -6.15
N GLY A 268 40.20 -6.81 -5.33
CA GLY A 268 40.68 -6.73 -3.96
C GLY A 268 41.03 -5.32 -3.54
N THR A 269 41.21 -4.42 -4.51
CA THR A 269 41.56 -3.04 -4.21
C THR A 269 40.48 -2.41 -3.32
N LEU A 270 40.91 -1.67 -2.31
CA LEU A 270 40.00 -1.04 -1.38
C LEU A 270 40.25 0.45 -1.28
N VAL A 271 39.18 1.25 -1.32
CA VAL A 271 39.33 2.70 -1.24
C VAL A 271 38.32 3.39 -0.30
N ARG A 272 38.83 4.23 0.60
CA ARG A 272 37.99 4.96 1.54
C ARG A 272 37.91 6.43 1.10
N THR A 273 36.77 7.08 1.37
CA THR A 273 36.57 8.47 0.97
C THR A 273 35.73 9.27 1.94
N ARG A 274 35.89 10.59 1.91
CA ARG A 274 35.14 11.47 2.80
C ARG A 274 33.90 12.01 2.11
N VAL A 275 32.75 11.59 2.62
CA VAL A 275 31.46 12.01 2.09
C VAL A 275 31.37 13.49 1.75
N SER A 276 32.11 14.32 2.50
CA SER A 276 32.10 15.77 2.28
C SER A 276 32.81 16.20 1.00
N GLU A 277 33.67 15.33 0.48
CA GLU A 277 34.41 15.60 -0.76
C GLU A 277 33.72 14.92 -1.94
N ILE A 278 32.38 14.96 -1.92
CA ILE A 278 31.56 14.37 -2.98
C ILE A 278 30.38 15.32 -3.17
N SER A 279 30.31 15.94 -4.34
CA SER A 279 29.28 16.91 -4.68
C SER A 279 27.82 16.43 -4.67
N ILE A 280 26.94 17.33 -4.25
CA ILE A 280 25.52 17.05 -4.16
C ILE A 280 24.82 17.62 -5.39
N VAL A 281 24.41 16.74 -6.29
CA VAL A 281 23.77 17.17 -7.53
C VAL A 281 22.35 16.63 -7.70
N GLY A 282 21.82 16.78 -8.90
CA GLY A 282 20.48 16.30 -9.19
C GLY A 282 20.47 14.83 -9.51
N ARG A 283 19.28 14.24 -9.55
CA ARG A 283 19.14 12.83 -9.82
C ARG A 283 19.50 12.47 -11.25
N ASN A 284 19.39 13.44 -12.15
CA ASN A 284 19.73 13.15 -13.53
C ASN A 284 21.16 13.56 -13.88
N THR A 285 22.12 12.80 -13.35
CA THR A 285 23.55 13.02 -13.59
C THR A 285 24.16 11.63 -13.63
N GLN A 286 25.44 11.53 -14.01
CA GLN A 286 26.08 10.22 -14.06
C GLN A 286 27.23 10.13 -13.08
N GLY A 287 27.43 11.21 -12.33
CA GLY A 287 28.52 11.24 -11.35
C GLY A 287 29.87 11.45 -11.99
N VAL A 288 30.92 11.32 -11.18
CA VAL A 288 32.29 11.45 -11.65
C VAL A 288 33.05 10.28 -11.03
N ILE A 289 34.05 9.77 -11.75
CA ILE A 289 34.83 8.66 -11.24
C ILE A 289 35.44 9.02 -9.89
N LEU A 290 35.31 8.11 -8.92
CA LEU A 290 35.86 8.31 -7.58
C LEU A 290 36.96 7.30 -7.29
N ILE A 291 37.06 6.29 -8.13
CA ILE A 291 38.07 5.24 -7.98
C ILE A 291 38.41 4.61 -9.34
N ARG A 292 39.69 4.57 -9.68
CA ARG A 292 40.17 4.01 -10.94
C ARG A 292 39.74 2.56 -11.16
N THR A 293 38.65 2.38 -11.90
CA THR A 293 38.12 1.06 -12.18
C THR A 293 39.14 0.05 -12.71
N ALA A 294 39.72 0.35 -13.87
CA ALA A 294 40.70 -0.54 -14.52
C ALA A 294 39.94 -1.69 -15.19
N GLU A 295 39.94 -1.72 -16.52
CA GLU A 295 39.24 -2.74 -17.30
C GLU A 295 39.31 -4.14 -16.70
N ASP A 296 38.20 -4.87 -16.78
CA ASP A 296 38.08 -6.23 -16.26
C ASP A 296 38.02 -6.28 -14.72
N GLU A 297 37.72 -5.14 -14.11
CA GLU A 297 37.63 -5.05 -12.65
C GLU A 297 36.35 -4.30 -12.27
N ASN A 298 35.54 -4.89 -11.40
CA ASN A 298 34.28 -4.27 -10.98
C ASN A 298 34.13 -4.00 -9.47
N VAL A 299 33.41 -2.94 -9.15
CA VAL A 299 33.14 -2.59 -7.76
C VAL A 299 32.01 -3.55 -7.35
N VAL A 300 32.15 -4.19 -6.18
CA VAL A 300 31.14 -5.14 -5.72
C VAL A 300 30.64 -4.90 -4.30
N GLY A 301 31.17 -3.86 -3.64
CA GLY A 301 30.75 -3.59 -2.28
C GLY A 301 30.84 -2.11 -1.93
N LEU A 302 29.86 -1.63 -1.17
CA LEU A 302 29.80 -0.23 -0.75
C LEU A 302 29.17 -0.17 0.64
N GLN A 303 29.81 0.50 1.59
CA GLN A 303 29.26 0.60 2.93
C GLN A 303 29.94 1.65 3.80
N ARG A 304 29.24 2.09 4.84
CA ARG A 304 29.79 3.07 5.76
C ARG A 304 30.87 2.37 6.59
N VAL A 305 31.99 3.07 6.82
CA VAL A 305 33.10 2.51 7.59
C VAL A 305 32.71 2.33 9.05
N ALA A 306 33.13 1.20 9.63
CA ALA A 306 32.83 0.89 11.02
C ALA A 306 33.36 1.98 11.95
N GLU A 307 32.45 2.59 12.70
CA GLU A 307 32.79 3.66 13.64
C GLU A 307 32.95 3.12 15.06
N THR B 1 -7.80 -23.02 7.32
CA THR B 1 -8.56 -21.78 7.65
C THR B 1 -7.69 -20.70 8.31
N GLN B 2 -8.19 -19.47 8.32
CA GLN B 2 -7.52 -18.30 8.89
C GLN B 2 -6.31 -17.81 8.07
N GLU B 3 -6.56 -16.81 7.23
CA GLU B 3 -5.53 -16.21 6.36
C GLU B 3 -6.11 -14.96 5.70
N ASP B 4 -5.24 -14.13 5.13
CA ASP B 4 -5.68 -12.90 4.47
C ASP B 4 -6.05 -13.12 3.00
N VAL B 5 -7.21 -12.60 2.60
CA VAL B 5 -7.67 -12.76 1.22
C VAL B 5 -8.20 -11.49 0.55
N VAL B 6 -8.24 -11.53 -0.78
CA VAL B 6 -8.76 -10.43 -1.57
C VAL B 6 -10.05 -10.91 -2.24
N VAL B 7 -11.14 -10.22 -1.95
CA VAL B 7 -12.47 -10.56 -2.49
C VAL B 7 -12.80 -9.62 -3.66
N THR B 8 -13.39 -10.16 -4.72
CA THR B 8 -13.77 -9.31 -5.85
C THR B 8 -15.16 -9.61 -6.44
N LEU B 9 -15.81 -8.55 -6.92
CA LEU B 9 -17.13 -8.64 -7.56
C LEU B 9 -16.99 -7.99 -8.94
N SER B 10 -17.26 -8.76 -10.00
CA SER B 10 -17.11 -8.25 -11.36
C SER B 10 -18.30 -7.44 -11.90
N HIS B 11 -18.08 -6.80 -13.04
CA HIS B 11 -19.09 -5.98 -13.69
C HIS B 11 -20.30 -6.81 -14.08
N GLN B 12 -20.06 -8.06 -14.44
CA GLN B 12 -21.14 -8.96 -14.82
C GLN B 12 -21.70 -9.71 -13.61
N GLY B 13 -21.24 -9.34 -12.42
CA GLY B 13 -21.74 -9.94 -11.20
C GLY B 13 -21.07 -11.17 -10.60
N TYR B 14 -19.87 -11.52 -11.04
CA TYR B 14 -19.22 -12.71 -10.50
C TYR B 14 -18.46 -12.38 -9.21
N VAL B 15 -18.54 -13.29 -8.25
CA VAL B 15 -17.88 -13.10 -6.96
C VAL B 15 -16.97 -14.28 -6.61
N LYS B 16 -15.88 -14.00 -5.92
CA LYS B 16 -14.90 -15.01 -5.53
C LYS B 16 -13.83 -14.38 -4.65
N TYR B 17 -13.04 -15.20 -3.98
CA TYR B 17 -11.97 -14.67 -3.14
C TYR B 17 -10.71 -15.51 -3.33
N GLN B 18 -9.56 -14.95 -2.97
CA GLN B 18 -8.30 -15.68 -3.09
C GLN B 18 -7.22 -15.11 -2.17
N PRO B 19 -6.24 -15.97 -1.79
CA PRO B 19 -5.11 -15.61 -0.93
C PRO B 19 -4.30 -14.43 -1.42
N LEU B 20 -4.11 -13.46 -0.53
CA LEU B 20 -3.37 -12.23 -0.81
C LEU B 20 -2.13 -12.42 -1.67
N SER B 21 -1.20 -13.24 -1.19
CA SER B 21 0.05 -13.48 -1.89
C SER B 21 -0.12 -13.96 -3.32
N GLU B 22 -1.06 -14.90 -3.52
CA GLU B 22 -1.31 -15.44 -4.85
C GLU B 22 -1.88 -14.33 -5.75
N TYR B 23 -2.77 -13.51 -5.20
CA TYR B 23 -3.35 -12.42 -5.98
C TYR B 23 -2.23 -11.50 -6.43
N GLU B 24 -1.36 -11.13 -5.47
CA GLU B 24 -0.23 -10.24 -5.74
C GLU B 24 0.73 -10.84 -6.74
N ALA B 25 0.98 -12.14 -6.60
CA ALA B 25 1.89 -12.83 -7.51
C ALA B 25 1.48 -12.70 -8.98
N GLN B 26 0.21 -12.96 -9.26
CA GLN B 26 -0.28 -12.89 -10.63
C GLN B 26 -0.24 -11.49 -11.21
N ARG B 27 -0.68 -10.51 -10.43
CA ARG B 27 -0.71 -9.12 -10.87
C ARG B 27 0.61 -8.57 -11.38
N ARG B 28 1.69 -9.33 -11.20
CA ARG B 28 3.01 -8.89 -11.67
C ARG B 28 3.00 -8.80 -13.20
N GLY B 29 3.52 -7.70 -13.73
CA GLY B 29 3.54 -7.50 -15.16
C GLY B 29 2.35 -6.70 -15.68
N GLU B 41 -16.12 -7.42 -22.85
CA GLU B 41 -15.36 -8.09 -21.82
C GLU B 41 -15.89 -7.75 -20.42
N ASP B 42 -15.32 -8.40 -19.40
CA ASP B 42 -15.74 -8.18 -18.02
C ASP B 42 -14.51 -7.77 -17.20
N PHE B 43 -14.71 -6.80 -16.32
CA PHE B 43 -13.63 -6.30 -15.48
C PHE B 43 -14.08 -6.22 -14.02
N ILE B 44 -13.12 -6.02 -13.11
CA ILE B 44 -13.46 -5.93 -11.70
C ILE B 44 -14.14 -4.60 -11.37
N ASP B 45 -15.19 -4.68 -10.55
CA ASP B 45 -15.96 -3.52 -10.17
C ASP B 45 -15.67 -3.09 -8.73
N ARG B 46 -15.65 -4.05 -7.81
CA ARG B 46 -15.38 -3.78 -6.40
C ARG B 46 -14.30 -4.72 -5.87
N LEU B 47 -13.43 -4.23 -4.99
CA LEU B 47 -12.34 -5.04 -4.45
C LEU B 47 -12.02 -4.72 -2.98
N LEU B 48 -11.81 -5.76 -2.17
CA LEU B 48 -11.50 -5.56 -0.76
C LEU B 48 -10.63 -6.67 -0.15
N VAL B 49 -9.99 -6.37 0.98
CA VAL B 49 -9.11 -7.32 1.66
C VAL B 49 -9.64 -7.63 3.05
N ALA B 50 -9.59 -8.91 3.44
CA ALA B 50 -10.09 -9.33 4.76
C ALA B 50 -9.63 -10.72 5.15
N ASN B 51 -10.10 -11.16 6.31
CA ASN B 51 -9.76 -12.48 6.84
C ASN B 51 -10.92 -13.48 6.64
N THR B 52 -10.55 -14.72 6.37
CA THR B 52 -11.51 -15.79 6.14
C THR B 52 -12.60 -15.93 7.20
N HIS B 53 -12.34 -15.43 8.41
CA HIS B 53 -13.33 -15.51 9.47
C HIS B 53 -14.08 -14.18 9.65
N ASP B 54 -13.90 -13.28 8.69
CA ASP B 54 -14.59 -11.99 8.72
C ASP B 54 -15.96 -12.12 8.04
N HIS B 55 -16.81 -11.14 8.29
CA HIS B 55 -18.16 -11.10 7.73
C HIS B 55 -18.25 -10.01 6.66
N ILE B 56 -19.01 -10.26 5.60
CA ILE B 56 -19.21 -9.23 4.61
C ILE B 56 -20.73 -8.96 4.55
N LEU B 57 -21.10 -7.70 4.49
CA LEU B 57 -22.51 -7.31 4.42
C LEU B 57 -22.79 -6.84 3.01
N CYS B 58 -23.82 -7.40 2.38
CA CYS B 58 -24.19 -6.99 1.03
C CYS B 58 -25.55 -6.28 1.08
N PHE B 59 -25.59 -5.05 0.55
CA PHE B 59 -26.83 -4.25 0.54
C PHE B 59 -27.42 -4.16 -0.86
N SER B 60 -28.75 -4.22 -0.95
CA SER B 60 -29.41 -4.15 -2.26
C SER B 60 -30.18 -2.86 -2.49
N SER B 61 -30.54 -2.60 -3.75
CA SER B 61 -31.30 -1.42 -4.11
C SER B 61 -32.74 -1.50 -3.57
N ARG B 62 -33.09 -2.63 -2.95
CA ARG B 62 -34.43 -2.82 -2.41
C ARG B 62 -34.45 -2.62 -0.89
N GLY B 63 -33.33 -2.15 -0.32
CA GLY B 63 -33.27 -1.89 1.11
C GLY B 63 -33.02 -3.06 2.04
N ARG B 64 -32.68 -4.22 1.50
CA ARG B 64 -32.40 -5.39 2.35
C ARG B 64 -30.90 -5.62 2.55
N VAL B 65 -30.55 -6.46 3.52
CA VAL B 65 -29.15 -6.77 3.81
C VAL B 65 -28.95 -8.27 4.08
N TYR B 66 -27.87 -8.83 3.56
CA TYR B 66 -27.52 -10.24 3.75
C TYR B 66 -26.12 -10.33 4.32
N SER B 67 -25.88 -11.35 5.14
CA SER B 67 -24.58 -11.54 5.76
C SER B 67 -23.99 -12.92 5.51
N MET B 68 -22.67 -12.98 5.35
CA MET B 68 -22.02 -14.26 5.15
C MET B 68 -20.55 -14.23 5.56
N LYS B 69 -19.99 -15.42 5.80
CA LYS B 69 -18.60 -15.55 6.17
C LYS B 69 -17.82 -15.62 4.87
N VAL B 70 -16.61 -15.06 4.88
CA VAL B 70 -15.76 -15.04 3.69
C VAL B 70 -15.53 -16.42 3.10
N TYR B 71 -15.46 -17.44 3.97
CA TYR B 71 -15.23 -18.81 3.50
C TYR B 71 -16.50 -19.46 2.95
N GLN B 72 -17.59 -18.69 2.87
CA GLN B 72 -18.86 -19.18 2.34
C GLN B 72 -18.91 -18.87 0.84
N LEU B 73 -17.95 -18.07 0.36
CA LEU B 73 -17.89 -17.69 -1.06
C LEU B 73 -17.02 -18.67 -1.82
N PRO B 74 -17.12 -18.70 -3.16
CA PRO B 74 -16.30 -19.62 -3.95
C PRO B 74 -14.82 -19.22 -4.01
N GLU B 75 -13.94 -20.22 -3.90
CA GLU B 75 -12.50 -19.97 -3.93
C GLU B 75 -11.97 -19.84 -5.36
N ALA B 76 -10.86 -19.13 -5.53
CA ALA B 76 -10.26 -18.94 -6.85
C ALA B 76 -9.99 -20.31 -7.45
N THR B 77 -9.76 -21.28 -6.57
CA THR B 77 -9.52 -22.66 -6.98
C THR B 77 -10.92 -23.26 -7.11
N ARG B 78 -11.03 -24.38 -7.83
CA ARG B 78 -12.33 -25.03 -8.04
C ARG B 78 -13.22 -24.13 -8.90
N GLY B 79 -12.59 -23.17 -9.57
CA GLY B 79 -13.31 -22.24 -10.43
C GLY B 79 -12.61 -20.89 -10.44
N ALA B 80 -11.94 -20.58 -11.56
CA ALA B 80 -11.19 -19.34 -11.69
C ALA B 80 -12.01 -18.04 -11.78
N ARG B 81 -13.12 -18.05 -12.51
CA ARG B 81 -13.94 -16.84 -12.65
C ARG B 81 -14.86 -16.59 -11.46
N GLY B 82 -15.26 -17.67 -10.78
CA GLY B 82 -16.15 -17.53 -9.65
C GLY B 82 -17.56 -18.00 -9.94
N ARG B 83 -18.55 -17.43 -9.25
CA ARG B 83 -19.94 -17.77 -9.45
C ARG B 83 -20.78 -16.51 -9.40
N PRO B 84 -21.92 -16.50 -10.09
CA PRO B 84 -22.76 -15.29 -10.07
C PRO B 84 -23.34 -15.14 -8.65
N ILE B 85 -23.22 -13.95 -8.07
CA ILE B 85 -23.72 -13.75 -6.72
C ILE B 85 -25.25 -13.93 -6.61
N VAL B 86 -25.97 -13.80 -7.72
CA VAL B 86 -27.42 -13.99 -7.68
C VAL B 86 -27.81 -15.46 -7.42
N ASN B 87 -26.85 -16.37 -7.61
CA ASN B 87 -27.09 -17.78 -7.36
C ASN B 87 -26.82 -18.16 -5.92
N LEU B 88 -26.22 -17.25 -5.14
CA LEU B 88 -25.87 -17.50 -3.73
C LEU B 88 -26.77 -16.76 -2.75
N LEU B 89 -27.29 -15.62 -3.19
CA LEU B 89 -28.15 -14.81 -2.36
C LEU B 89 -29.59 -14.87 -2.90
N PRO B 90 -30.58 -15.07 -2.01
CA PRO B 90 -32.00 -15.15 -2.40
C PRO B 90 -32.51 -13.83 -2.95
N LEU B 91 -31.90 -13.33 -4.03
CA LEU B 91 -32.34 -12.05 -4.60
C LEU B 91 -33.54 -12.16 -5.54
N GLU B 92 -34.44 -11.19 -5.43
CA GLU B 92 -35.64 -11.12 -6.26
C GLU B 92 -35.20 -10.58 -7.62
N GLN B 93 -36.15 -10.39 -8.54
CA GLN B 93 -35.82 -9.87 -9.86
C GLN B 93 -35.56 -8.36 -9.82
N ASP B 94 -34.49 -7.95 -10.49
CA ASP B 94 -34.10 -6.54 -10.54
C ASP B 94 -33.49 -6.02 -9.25
N GLU B 95 -33.30 -6.90 -8.27
CA GLU B 95 -32.71 -6.49 -7.00
C GLU B 95 -31.19 -6.53 -7.21
N ARG B 96 -30.56 -5.36 -7.29
CA ARG B 96 -29.11 -5.31 -7.49
C ARG B 96 -28.32 -4.90 -6.25
N ILE B 97 -27.11 -5.45 -6.13
CA ILE B 97 -26.20 -5.18 -5.02
C ILE B 97 -25.66 -3.75 -5.14
N THR B 98 -25.88 -2.94 -4.10
CA THR B 98 -25.42 -1.56 -4.12
C THR B 98 -24.13 -1.35 -3.35
N ALA B 99 -23.84 -2.22 -2.39
CA ALA B 99 -22.63 -2.07 -1.62
C ALA B 99 -22.20 -3.32 -0.86
N ILE B 100 -20.88 -3.49 -0.75
CA ILE B 100 -20.32 -4.62 -0.03
C ILE B 100 -19.39 -4.05 1.04
N LEU B 101 -19.68 -4.31 2.32
CA LEU B 101 -18.87 -3.80 3.43
C LEU B 101 -18.32 -4.89 4.35
N PRO B 102 -16.99 -4.93 4.55
CA PRO B 102 -16.30 -5.91 5.40
C PRO B 102 -16.49 -5.61 6.90
N VAL B 103 -16.52 -6.62 7.75
CA VAL B 103 -16.70 -6.41 9.19
C VAL B 103 -15.94 -7.42 10.04
N THR B 104 -15.01 -6.91 10.84
CA THR B 104 -14.19 -7.77 11.72
C THR B 104 -14.85 -7.98 13.08
N GLU B 105 -15.44 -6.92 13.61
CA GLU B 105 -16.11 -6.96 14.90
C GLU B 105 -17.25 -5.94 14.89
N PHE B 106 -18.38 -6.31 15.49
CA PHE B 106 -19.52 -5.41 15.53
C PHE B 106 -19.42 -4.41 16.68
N GLU B 107 -18.50 -3.47 16.54
CA GLU B 107 -18.25 -2.42 17.54
C GLU B 107 -19.47 -1.54 17.81
N GLU B 108 -19.47 -0.88 18.95
CA GLU B 108 -20.59 -0.02 19.34
C GLU B 108 -20.46 1.41 18.79
N GLY B 109 -19.23 1.86 18.60
CA GLY B 109 -18.99 3.20 18.10
C GLY B 109 -19.12 3.44 16.60
N VAL B 110 -19.29 2.37 15.82
CA VAL B 110 -19.39 2.50 14.37
C VAL B 110 -20.84 2.35 13.89
N LYS B 111 -21.19 3.06 12.82
CA LYS B 111 -22.55 3.00 12.27
C LYS B 111 -22.62 2.72 10.76
N VAL B 112 -23.80 2.30 10.31
CA VAL B 112 -24.05 2.04 8.88
C VAL B 112 -24.87 3.24 8.40
N PHE B 113 -24.37 3.95 7.39
CA PHE B 113 -25.05 5.14 6.87
C PHE B 113 -25.64 4.85 5.50
N MET B 114 -26.95 5.07 5.36
CA MET B 114 -27.66 4.81 4.10
C MET B 114 -28.25 6.05 3.44
N ALA B 115 -28.20 6.10 2.10
CA ALA B 115 -28.74 7.22 1.33
C ALA B 115 -29.62 6.74 0.16
N THR B 116 -30.78 7.38 0.00
CA THR B 116 -31.71 6.98 -1.05
C THR B 116 -31.80 8.01 -2.18
N ALA B 117 -32.33 7.59 -3.32
CA ALA B 117 -32.46 8.45 -4.49
C ALA B 117 -33.38 9.65 -4.33
N ASN B 118 -34.20 9.67 -3.28
CA ASN B 118 -35.12 10.81 -3.10
C ASN B 118 -34.65 11.86 -2.10
N GLY B 119 -33.46 11.68 -1.55
CA GLY B 119 -32.94 12.65 -0.60
C GLY B 119 -33.01 12.22 0.85
N THR B 120 -33.44 10.98 1.07
CA THR B 120 -33.57 10.43 2.41
C THR B 120 -32.27 9.76 2.83
N VAL B 121 -31.94 9.85 4.12
CA VAL B 121 -30.74 9.20 4.65
C VAL B 121 -31.12 8.54 5.96
N LYS B 122 -30.20 7.74 6.52
CA LYS B 122 -30.45 7.05 7.78
C LYS B 122 -29.17 6.40 8.31
N LYS B 123 -29.14 6.10 9.60
CA LYS B 123 -27.98 5.45 10.20
C LYS B 123 -28.37 4.51 11.33
N THR B 124 -27.68 3.37 11.40
CA THR B 124 -27.93 2.34 12.41
C THR B 124 -26.62 1.83 12.98
N VAL B 125 -26.58 1.60 14.30
CA VAL B 125 -25.38 1.09 14.93
C VAL B 125 -25.07 -0.31 14.39
N LEU B 126 -23.78 -0.57 14.17
CA LEU B 126 -23.33 -1.85 13.64
C LEU B 126 -23.77 -3.05 14.50
N THR B 127 -23.97 -2.81 15.78
CA THR B 127 -24.40 -3.84 16.72
C THR B 127 -25.67 -4.57 16.29
N GLU B 128 -26.62 -3.84 15.69
CA GLU B 128 -27.86 -4.46 15.26
C GLU B 128 -27.74 -5.43 14.09
N PHE B 129 -26.54 -5.61 13.56
CA PHE B 129 -26.33 -6.53 12.45
C PHE B 129 -25.53 -7.74 12.94
N ASN B 130 -25.24 -7.77 14.24
CA ASN B 130 -24.46 -8.82 14.88
C ASN B 130 -24.80 -10.26 14.51
N ARG B 131 -26.05 -10.66 14.63
CA ARG B 131 -26.42 -12.05 14.31
C ARG B 131 -27.44 -12.15 13.17
N LEU B 132 -26.97 -11.90 11.95
CA LEU B 132 -27.83 -11.96 10.79
C LEU B 132 -27.48 -13.17 9.91
N ARG B 133 -28.49 -13.79 9.34
CA ARG B 133 -28.30 -14.95 8.48
C ARG B 133 -28.13 -14.50 7.04
N THR B 134 -27.71 -15.40 6.16
CA THR B 134 -27.57 -14.99 4.77
C THR B 134 -28.95 -14.94 4.09
N ALA B 135 -29.98 -15.35 4.84
CA ALA B 135 -31.35 -15.32 4.36
C ALA B 135 -31.81 -13.86 4.21
N GLY B 136 -31.19 -12.97 4.99
CA GLY B 136 -31.49 -11.55 4.91
C GLY B 136 -32.64 -10.98 5.72
N LYS B 137 -32.62 -9.65 5.84
CA LYS B 137 -33.65 -8.87 6.56
C LYS B 137 -33.68 -7.44 6.01
N VAL B 138 -34.68 -6.68 6.43
CA VAL B 138 -34.86 -5.29 6.02
C VAL B 138 -33.89 -4.38 6.76
N ALA B 139 -33.22 -3.49 6.03
CA ALA B 139 -32.26 -2.56 6.65
C ALA B 139 -32.86 -1.14 6.73
N ILE B 140 -33.74 -0.83 5.80
CA ILE B 140 -34.42 0.48 5.75
C ILE B 140 -35.70 0.31 4.91
N LYS B 141 -36.81 0.85 5.42
CA LYS B 141 -38.09 0.78 4.72
C LYS B 141 -38.23 1.86 3.66
N LEU B 142 -38.39 1.44 2.41
CA LEU B 142 -38.50 2.38 1.28
C LEU B 142 -39.93 2.66 0.84
N VAL B 143 -40.23 3.92 0.49
CA VAL B 143 -41.57 4.30 0.03
C VAL B 143 -41.64 4.02 -1.48
N ASP B 144 -42.81 3.57 -1.93
CA ASP B 144 -43.01 3.24 -3.34
C ASP B 144 -42.24 4.12 -4.31
N GLY B 145 -41.44 3.49 -5.16
CA GLY B 145 -40.66 4.21 -6.16
C GLY B 145 -39.25 4.67 -5.80
N ASP B 146 -38.82 4.43 -4.57
CA ASP B 146 -37.48 4.83 -4.14
C ASP B 146 -36.56 3.63 -3.97
N GLU B 147 -35.25 3.88 -4.01
CA GLU B 147 -34.27 2.82 -3.84
C GLU B 147 -32.98 3.25 -3.16
N LEU B 148 -32.31 2.29 -2.55
CA LEU B 148 -31.05 2.54 -1.86
C LEU B 148 -29.95 2.65 -2.91
N ILE B 149 -29.22 3.77 -2.92
CA ILE B 149 -28.16 3.97 -3.90
C ILE B 149 -26.74 4.16 -3.33
N GLY B 150 -26.62 4.20 -2.01
CA GLY B 150 -25.31 4.35 -1.40
C GLY B 150 -25.25 3.93 0.04
N VAL B 151 -24.16 3.25 0.41
CA VAL B 151 -23.97 2.78 1.79
C VAL B 151 -22.48 2.82 2.18
N ASP B 152 -22.22 3.17 3.43
CA ASP B 152 -20.84 3.22 3.92
C ASP B 152 -20.80 3.19 5.45
N LEU B 153 -19.62 2.94 6.00
CA LEU B 153 -19.46 2.91 7.47
C LEU B 153 -18.92 4.27 7.93
N THR B 154 -19.49 4.80 9.01
CA THR B 154 -19.07 6.10 9.53
C THR B 154 -18.96 6.11 11.05
N SER B 155 -18.31 7.16 11.56
CA SER B 155 -18.12 7.32 13.00
C SER B 155 -17.54 8.70 13.32
N GLY B 156 -17.31 8.94 14.60
CA GLY B 156 -16.73 10.20 15.05
C GLY B 156 -17.17 11.48 14.36
N GLU B 157 -16.20 12.17 13.76
CA GLU B 157 -16.47 13.43 13.09
C GLU B 157 -16.64 13.35 11.57
N ASP B 158 -16.89 12.15 11.04
CA ASP B 158 -17.05 12.02 9.59
C ASP B 158 -18.16 12.91 9.04
N GLU B 159 -18.04 13.28 7.77
CA GLU B 159 -19.06 14.09 7.09
C GLU B 159 -19.62 13.29 5.91
N VAL B 160 -20.74 13.72 5.36
CA VAL B 160 -21.32 13.01 4.22
C VAL B 160 -21.68 14.01 3.12
N MET B 161 -21.48 13.61 1.87
CA MET B 161 -21.78 14.47 0.72
C MET B 161 -22.79 13.78 -0.20
N LEU B 162 -23.84 14.52 -0.60
CA LEU B 162 -24.87 13.99 -1.49
C LEU B 162 -24.88 14.81 -2.80
N PHE B 163 -24.87 14.13 -3.95
CA PHE B 163 -24.85 14.83 -5.24
C PHE B 163 -26.10 14.52 -6.05
N SER B 164 -26.64 15.54 -6.72
CA SER B 164 -27.84 15.36 -7.54
C SER B 164 -27.53 15.47 -9.03
N ALA B 165 -28.45 14.99 -9.85
CA ALA B 165 -28.30 15.04 -11.29
C ALA B 165 -28.30 16.45 -11.84
N GLU B 166 -28.99 17.37 -11.15
CA GLU B 166 -29.08 18.75 -11.61
C GLU B 166 -27.82 19.57 -11.34
N GLY B 167 -26.79 18.94 -10.79
CA GLY B 167 -25.55 19.66 -10.52
C GLY B 167 -25.44 20.22 -9.13
N LYS B 168 -26.37 19.82 -8.25
CA LYS B 168 -26.39 20.28 -6.87
C LYS B 168 -25.64 19.33 -5.93
N VAL B 169 -25.24 19.85 -4.78
CA VAL B 169 -24.54 19.04 -3.77
C VAL B 169 -24.82 19.59 -2.38
N VAL B 170 -24.53 18.79 -1.36
CA VAL B 170 -24.72 19.20 0.02
C VAL B 170 -23.71 18.43 0.89
N ARG B 171 -23.21 19.08 1.94
CA ARG B 171 -22.23 18.45 2.81
C ARG B 171 -22.51 18.79 4.29
N PHE B 172 -22.71 17.76 5.12
CA PHE B 172 -23.00 17.95 6.55
C PHE B 172 -22.40 16.86 7.44
N LYS B 173 -22.54 17.02 8.76
CA LYS B 173 -21.99 16.05 9.71
C LYS B 173 -22.90 14.87 10.05
N GLU B 174 -22.28 13.71 10.23
CA GLU B 174 -22.99 12.48 10.54
C GLU B 174 -23.66 12.53 11.91
N SER B 175 -23.09 13.32 12.82
CA SER B 175 -23.66 13.43 14.16
C SER B 175 -24.96 14.23 14.20
N SER B 176 -25.28 14.94 13.12
CA SER B 176 -26.50 15.74 13.08
C SER B 176 -27.72 14.91 12.66
N VAL B 177 -27.55 13.59 12.68
CA VAL B 177 -28.61 12.64 12.32
C VAL B 177 -28.70 11.62 13.47
N ARG B 178 -29.90 11.39 14.00
CA ARG B 178 -30.06 10.46 15.11
C ARG B 178 -30.23 9.00 14.71
N ALA B 179 -29.53 8.13 15.44
CA ALA B 179 -29.55 6.68 15.21
C ALA B 179 -30.94 6.04 15.35
N MET B 180 -31.28 5.14 14.43
CA MET B 180 -32.59 4.48 14.44
C MET B 180 -32.48 2.97 14.23
N GLY B 181 -33.63 2.29 14.25
CA GLY B 181 -33.65 0.84 14.09
C GLY B 181 -33.80 0.34 12.66
N CYS B 182 -33.48 -0.92 12.44
CA CYS B 182 -33.56 -1.52 11.11
C CYS B 182 -34.93 -1.41 10.44
N ASN B 183 -36.00 -1.50 11.22
CA ASN B 183 -37.36 -1.41 10.68
C ASN B 183 -37.92 0.01 10.57
N THR B 184 -37.08 0.99 10.24
CA THR B 184 -37.56 2.36 10.13
C THR B 184 -37.35 3.00 8.77
N THR B 185 -37.76 4.26 8.64
CA THR B 185 -37.67 5.01 7.38
C THR B 185 -36.47 5.93 7.18
N GLY B 186 -36.14 6.73 8.19
CA GLY B 186 -35.02 7.64 8.05
C GLY B 186 -35.47 9.09 7.95
N VAL B 187 -34.51 10.02 7.92
CA VAL B 187 -34.80 11.45 7.85
C VAL B 187 -34.40 12.06 6.52
N ARG B 188 -34.57 13.38 6.37
CA ARG B 188 -34.21 14.05 5.14
C ARG B 188 -32.79 14.61 5.15
N GLY B 189 -32.08 14.43 4.03
CA GLY B 189 -30.72 14.89 3.91
C GLY B 189 -30.51 16.06 2.95
N ILE B 190 -31.29 16.10 1.87
CA ILE B 190 -31.20 17.20 0.91
C ILE B 190 -32.56 17.45 0.24
N ARG B 191 -32.93 18.72 0.13
CA ARG B 191 -34.21 19.12 -0.48
C ARG B 191 -34.09 19.22 -1.99
N LEU B 192 -34.62 18.23 -2.69
CA LEU B 192 -34.56 18.17 -4.15
C LEU B 192 -35.72 18.88 -4.85
N GLY B 193 -35.41 19.55 -5.96
CA GLY B 193 -36.43 20.23 -6.72
C GLY B 193 -37.26 19.14 -7.40
N GLU B 194 -38.28 19.53 -8.16
CA GLU B 194 -39.12 18.55 -8.83
C GLU B 194 -38.31 17.82 -9.91
N GLY B 195 -38.49 16.50 -10.00
CA GLY B 195 -37.79 15.73 -11.01
C GLY B 195 -36.31 15.49 -10.78
N ASP B 196 -35.75 16.08 -9.73
CA ASP B 196 -34.33 15.90 -9.44
C ASP B 196 -34.15 14.64 -8.59
N LYS B 197 -32.91 14.16 -8.48
CA LYS B 197 -32.63 12.97 -7.67
C LYS B 197 -31.16 12.81 -7.34
N VAL B 198 -30.88 12.08 -6.27
CA VAL B 198 -29.51 11.84 -5.80
C VAL B 198 -28.84 10.70 -6.57
N VAL B 199 -27.64 10.98 -7.09
CA VAL B 199 -26.90 9.97 -7.86
C VAL B 199 -25.66 9.40 -7.17
N SER B 200 -25.07 10.11 -6.22
CA SER B 200 -23.87 9.60 -5.54
C SER B 200 -23.80 9.96 -4.06
N LEU B 201 -23.03 9.17 -3.33
CA LEU B 201 -22.81 9.38 -1.91
C LEU B 201 -21.30 9.35 -1.76
N ILE B 202 -20.75 10.25 -0.96
CA ILE B 202 -19.31 10.25 -0.72
C ILE B 202 -19.03 10.65 0.72
N VAL B 203 -18.25 9.83 1.41
CA VAL B 203 -17.83 10.14 2.77
C VAL B 203 -16.34 10.49 2.56
N PRO B 204 -16.05 11.78 2.37
CA PRO B 204 -14.68 12.27 2.13
C PRO B 204 -13.61 11.83 3.13
N ARG B 205 -12.53 11.29 2.58
CA ARG B 205 -11.38 10.85 3.38
C ARG B 205 -10.12 11.17 2.57
N GLY B 206 -9.12 11.74 3.22
CA GLY B 206 -7.90 12.06 2.50
C GLY B 206 -7.91 13.43 1.86
N ASP B 207 -6.97 13.68 0.96
CA ASP B 207 -6.83 14.96 0.29
C ASP B 207 -7.11 14.94 -1.21
N GLY B 208 -7.54 13.79 -1.72
CA GLY B 208 -7.83 13.68 -3.14
C GLY B 208 -8.93 14.61 -3.61
N ALA B 209 -8.95 14.91 -4.91
CA ALA B 209 -9.97 15.79 -5.48
C ALA B 209 -11.29 15.08 -5.78
N ILE B 210 -12.33 15.86 -6.03
CA ILE B 210 -13.65 15.32 -6.37
C ILE B 210 -13.78 15.42 -7.89
N LEU B 211 -14.16 14.31 -8.53
CA LEU B 211 -14.31 14.29 -9.99
C LEU B 211 -15.74 13.91 -10.37
N THR B 212 -16.31 14.67 -11.30
CA THR B 212 -17.68 14.43 -11.76
C THR B 212 -17.77 14.46 -13.28
N ALA B 213 -18.77 13.78 -13.83
CA ALA B 213 -18.95 13.73 -15.28
C ALA B 213 -20.41 13.90 -15.66
N THR B 214 -20.64 14.44 -16.85
CA THR B 214 -21.99 14.69 -17.35
C THR B 214 -22.33 13.76 -18.50
N GLN B 215 -23.59 13.74 -18.88
CA GLN B 215 -24.07 12.89 -19.96
C GLN B 215 -23.40 13.14 -21.32
N ASN B 216 -22.89 14.35 -21.53
CA ASN B 216 -22.26 14.66 -22.81
C ASN B 216 -20.73 14.64 -22.86
N GLY B 217 -20.12 13.86 -21.98
CA GLY B 217 -18.68 13.73 -21.99
C GLY B 217 -17.89 14.82 -21.29
N TYR B 218 -18.57 15.76 -20.64
CA TYR B 218 -17.85 16.82 -19.95
C TYR B 218 -17.55 16.43 -18.51
N GLY B 219 -16.57 17.10 -17.90
CA GLY B 219 -16.22 16.82 -16.52
C GLY B 219 -15.17 17.77 -15.99
N LYS B 220 -14.62 17.46 -14.82
CA LYS B 220 -13.61 18.32 -14.22
C LYS B 220 -13.19 17.75 -12.88
N ARG B 221 -12.23 18.41 -12.24
CA ARG B 221 -11.76 18.02 -10.92
C ARG B 221 -11.70 19.29 -10.06
N THR B 222 -12.23 19.23 -8.84
CA THR B 222 -12.18 20.38 -7.95
C THR B 222 -11.63 19.94 -6.61
N ALA B 223 -10.80 20.78 -6.00
CA ALA B 223 -10.22 20.45 -4.71
C ALA B 223 -11.34 20.25 -3.68
N VAL B 224 -11.23 19.21 -2.87
CA VAL B 224 -12.27 18.93 -1.88
C VAL B 224 -12.44 20.02 -0.83
N ALA B 225 -11.37 20.76 -0.55
CA ALA B 225 -11.43 21.83 0.43
C ALA B 225 -12.32 22.95 -0.09
N GLU B 226 -12.58 22.92 -1.40
CA GLU B 226 -13.41 23.93 -2.02
C GLU B 226 -14.90 23.60 -1.95
N TYR B 227 -15.27 22.63 -1.12
CA TYR B 227 -16.69 22.25 -0.94
C TYR B 227 -17.08 22.58 0.49
N PRO B 228 -18.01 23.55 0.65
CA PRO B 228 -18.57 24.08 1.91
C PRO B 228 -19.40 23.10 2.73
N THR B 229 -19.11 23.03 4.03
CA THR B 229 -19.86 22.15 4.94
C THR B 229 -21.06 22.92 5.49
N LYS B 230 -22.25 22.66 4.94
CA LYS B 230 -23.47 23.34 5.39
C LYS B 230 -24.27 22.51 6.40
N SER B 231 -25.58 22.42 6.18
CA SER B 231 -26.47 21.65 7.05
C SER B 231 -27.39 20.80 6.17
N ARG B 232 -28.02 19.78 6.75
CA ARG B 232 -28.88 18.89 5.98
C ARG B 232 -30.25 19.48 5.62
N ALA B 233 -31.05 18.67 4.95
CA ALA B 233 -32.41 19.04 4.54
C ALA B 233 -32.54 20.36 3.78
N THR B 234 -31.42 20.98 3.44
CA THR B 234 -31.46 22.24 2.70
C THR B 234 -31.30 22.00 1.20
N LYS B 235 -31.33 23.08 0.43
CA LYS B 235 -31.12 22.98 -1.00
C LYS B 235 -29.60 23.00 -1.03
N GLY B 236 -28.98 22.93 -2.20
CA GLY B 236 -27.53 22.92 -2.21
C GLY B 236 -26.82 23.93 -3.08
N VAL B 237 -25.51 24.03 -2.87
CA VAL B 237 -24.66 24.93 -3.64
C VAL B 237 -24.35 24.19 -4.95
N ILE B 238 -23.72 24.86 -5.90
CA ILE B 238 -23.41 24.22 -7.18
C ILE B 238 -22.08 23.49 -7.18
N SER B 239 -22.07 22.28 -7.74
CA SER B 239 -20.87 21.45 -7.82
C SER B 239 -20.31 21.61 -9.24
N ILE B 240 -21.22 21.64 -10.20
CA ILE B 240 -20.90 21.85 -11.61
C ILE B 240 -22.14 22.50 -12.23
N LYS B 241 -21.94 23.35 -13.23
CA LYS B 241 -23.05 24.05 -13.87
C LYS B 241 -23.66 23.28 -15.03
N VAL B 242 -24.84 22.70 -14.80
CA VAL B 242 -25.53 21.93 -15.82
C VAL B 242 -26.03 22.81 -16.97
N THR B 243 -26.15 22.23 -18.15
CA THR B 243 -26.60 22.94 -19.34
C THR B 243 -27.00 21.93 -20.40
N GLU B 244 -27.71 22.38 -21.42
CA GLU B 244 -28.13 21.51 -22.52
C GLU B 244 -26.86 21.07 -23.24
N ARG B 245 -25.80 21.85 -23.07
CA ARG B 245 -24.51 21.56 -23.67
C ARG B 245 -23.86 20.44 -22.88
N ASN B 246 -23.85 20.62 -21.56
CA ASN B 246 -23.27 19.67 -20.61
C ASN B 246 -24.01 18.34 -20.51
N GLY B 247 -25.24 18.42 -20.01
CA GLY B 247 -26.05 17.25 -19.80
C GLY B 247 -26.13 17.06 -18.29
N LEU B 248 -26.89 16.07 -17.84
CA LEU B 248 -27.02 15.82 -16.40
C LEU B 248 -25.81 15.12 -15.81
N VAL B 249 -25.60 15.34 -14.53
CA VAL B 249 -24.50 14.71 -13.80
C VAL B 249 -24.80 13.20 -13.70
N VAL B 250 -23.79 12.38 -13.98
CA VAL B 250 -23.93 10.92 -13.94
C VAL B 250 -23.50 10.37 -12.57
N GLY B 251 -22.57 11.07 -11.94
CA GLY B 251 -22.07 10.64 -10.65
C GLY B 251 -20.81 11.42 -10.35
N ALA B 252 -20.28 11.23 -9.13
CA ALA B 252 -19.06 11.91 -8.72
C ALA B 252 -18.33 10.96 -7.78
N VAL B 253 -17.01 11.13 -7.68
CA VAL B 253 -16.22 10.28 -6.81
C VAL B 253 -14.89 10.92 -6.47
N GLN B 254 -14.35 10.60 -5.30
CA GLN B 254 -13.09 11.15 -4.86
C GLN B 254 -11.96 10.35 -5.50
N VAL B 255 -10.89 11.05 -5.91
CA VAL B 255 -9.80 10.37 -6.59
C VAL B 255 -8.42 11.02 -6.39
N ASP B 256 -7.38 10.18 -6.31
CA ASP B 256 -6.02 10.68 -6.15
C ASP B 256 -5.43 10.99 -7.52
N ASP B 257 -4.38 11.82 -7.55
CA ASP B 257 -3.75 12.24 -8.81
C ASP B 257 -3.24 11.12 -9.72
N CYS B 258 -3.02 9.95 -9.16
CA CYS B 258 -2.51 8.82 -9.95
C CYS B 258 -3.55 7.78 -10.37
N ASP B 259 -4.81 7.97 -10.01
CA ASP B 259 -5.85 7.01 -10.37
C ASP B 259 -6.39 7.11 -11.80
N GLN B 260 -7.28 6.17 -12.12
CA GLN B 260 -7.94 6.10 -13.43
C GLN B 260 -9.43 6.00 -13.17
N ILE B 261 -10.24 6.27 -14.20
CA ILE B 261 -11.68 6.16 -14.06
C ILE B 261 -12.22 5.38 -15.25
N MET B 262 -13.41 4.81 -15.06
CA MET B 262 -14.06 4.04 -16.10
C MET B 262 -15.37 4.75 -16.44
N MET B 263 -15.66 4.90 -17.73
CA MET B 263 -16.89 5.53 -18.16
C MET B 263 -17.54 4.62 -19.19
N ILE B 264 -18.83 4.35 -19.05
CA ILE B 264 -19.53 3.48 -20.01
C ILE B 264 -20.74 4.21 -20.60
N THR B 265 -20.92 4.08 -21.91
CA THR B 265 -22.03 4.73 -22.60
C THR B 265 -23.23 3.82 -22.76
N ASP B 266 -24.38 4.42 -23.09
CA ASP B 266 -25.60 3.64 -23.29
C ASP B 266 -25.43 2.73 -24.50
N ALA B 267 -24.40 3.02 -25.29
CA ALA B 267 -24.11 2.24 -26.50
C ALA B 267 -23.33 0.98 -26.12
N GLY B 268 -22.18 1.18 -25.49
CA GLY B 268 -21.36 0.05 -25.08
C GLY B 268 -19.90 0.44 -24.97
N THR B 269 -19.57 1.63 -25.46
CA THR B 269 -18.21 2.13 -25.43
C THR B 269 -17.69 2.33 -24.02
N LEU B 270 -16.58 1.68 -23.71
CA LEU B 270 -15.95 1.79 -22.40
C LEU B 270 -14.67 2.60 -22.59
N VAL B 271 -14.33 3.44 -21.63
CA VAL B 271 -13.12 4.22 -21.74
C VAL B 271 -12.43 4.40 -20.39
N ARG B 272 -11.11 4.28 -20.39
CA ARG B 272 -10.32 4.46 -19.19
C ARG B 272 -9.48 5.71 -19.43
N THR B 273 -9.29 6.52 -18.39
CA THR B 273 -8.49 7.73 -18.53
C THR B 273 -7.75 8.05 -17.25
N ARG B 274 -6.46 8.37 -17.36
CA ARG B 274 -5.70 8.74 -16.17
C ARG B 274 -6.28 10.11 -15.77
N VAL B 275 -6.57 10.31 -14.49
CA VAL B 275 -7.14 11.58 -14.09
C VAL B 275 -6.21 12.77 -14.25
N SER B 276 -4.95 12.52 -14.62
CA SER B 276 -4.00 13.62 -14.79
C SER B 276 -4.18 14.33 -16.12
N GLU B 277 -5.16 13.87 -16.90
CA GLU B 277 -5.45 14.47 -18.19
C GLU B 277 -6.55 15.52 -18.03
N ILE B 278 -7.26 15.43 -16.93
CA ILE B 278 -8.38 16.33 -16.62
C ILE B 278 -7.98 17.52 -15.77
N SER B 279 -8.27 18.71 -16.28
CA SER B 279 -7.90 19.95 -15.61
C SER B 279 -8.58 20.16 -14.26
N ILE B 280 -7.86 20.80 -13.34
CA ILE B 280 -8.37 21.09 -12.00
C ILE B 280 -8.84 22.55 -11.97
N VAL B 281 -10.13 22.78 -11.70
CA VAL B 281 -10.65 24.14 -11.67
C VAL B 281 -11.61 24.38 -10.50
N GLY B 282 -12.48 25.37 -10.67
CA GLY B 282 -13.44 25.71 -9.64
C GLY B 282 -14.81 25.11 -9.92
N ARG B 283 -15.72 25.27 -8.97
CA ARG B 283 -17.07 24.72 -9.10
C ARG B 283 -17.96 25.39 -10.15
N ASN B 284 -18.12 26.71 -10.05
CA ASN B 284 -18.98 27.44 -10.98
C ASN B 284 -18.47 27.51 -12.41
N THR B 285 -18.50 26.38 -13.11
CA THR B 285 -18.04 26.28 -14.50
C THR B 285 -18.74 25.11 -15.19
N GLN B 286 -18.60 25.04 -16.51
CA GLN B 286 -19.22 23.96 -17.27
C GLN B 286 -18.25 22.80 -17.48
N GLY B 287 -16.99 23.00 -17.09
CA GLY B 287 -16.00 21.96 -17.24
C GLY B 287 -15.34 21.86 -18.60
N VAL B 288 -14.69 20.72 -18.86
CA VAL B 288 -14.00 20.49 -20.13
C VAL B 288 -14.31 19.12 -20.69
N ILE B 289 -13.84 18.86 -21.91
CA ILE B 289 -14.06 17.59 -22.59
C ILE B 289 -13.27 16.41 -22.04
N LEU B 290 -13.97 15.28 -21.86
CA LEU B 290 -13.38 14.05 -21.34
C LEU B 290 -13.40 12.97 -22.42
N ILE B 291 -14.50 12.93 -23.17
CA ILE B 291 -14.66 11.99 -24.27
C ILE B 291 -15.65 12.63 -25.26
N ARG B 292 -15.56 12.23 -26.53
CA ARG B 292 -16.45 12.76 -27.56
C ARG B 292 -17.88 12.31 -27.28
N THR B 293 -18.76 12.43 -28.27
CA THR B 293 -20.15 12.04 -28.12
C THR B 293 -20.86 12.05 -29.46
N ALA B 294 -21.86 11.19 -29.61
CA ALA B 294 -22.65 11.14 -30.84
C ALA B 294 -23.95 11.89 -30.51
N GLU B 295 -24.55 12.53 -31.51
CA GLU B 295 -25.79 13.27 -31.29
C GLU B 295 -26.96 12.35 -30.94
N ASP B 296 -26.64 11.21 -30.34
CA ASP B 296 -27.63 10.22 -29.94
C ASP B 296 -26.99 9.22 -28.95
N GLU B 297 -25.91 9.66 -28.31
CA GLU B 297 -25.19 8.84 -27.34
C GLU B 297 -24.84 9.66 -26.11
N ASN B 298 -24.72 8.99 -24.97
CA ASN B 298 -24.36 9.67 -23.73
C ASN B 298 -23.93 8.72 -22.62
N VAL B 299 -23.13 9.25 -21.69
CA VAL B 299 -22.61 8.48 -20.57
C VAL B 299 -23.70 8.05 -19.59
N VAL B 300 -23.60 6.83 -19.09
CA VAL B 300 -24.59 6.31 -18.16
C VAL B 300 -23.94 5.72 -16.91
N GLY B 301 -22.61 5.75 -16.86
CA GLY B 301 -21.91 5.21 -15.70
C GLY B 301 -20.49 5.71 -15.54
N LEU B 302 -20.11 5.96 -14.29
CA LEU B 302 -18.77 6.43 -13.95
C LEU B 302 -18.28 5.72 -12.68
N GLN B 303 -17.01 5.35 -12.64
CA GLN B 303 -16.47 4.67 -11.47
C GLN B 303 -14.96 4.76 -11.39
N ARG B 304 -14.43 4.71 -10.17
CA ARG B 304 -12.99 4.72 -9.97
C ARG B 304 -12.54 3.31 -10.31
N VAL B 305 -11.40 3.18 -10.99
CA VAL B 305 -10.89 1.87 -11.38
C VAL B 305 -10.31 1.07 -10.20
N ALA B 306 -10.62 -0.22 -10.17
CA ALA B 306 -10.14 -1.12 -9.12
C ALA B 306 -8.65 -1.46 -9.30
N GLU B 307 -8.17 -1.47 -10.54
CA GLU B 307 -6.76 -1.75 -10.82
C GLU B 307 -5.86 -0.86 -9.97
#